data_1JSZ
#
_entry.id   1JSZ
#
_cell.length_a   84.300
_cell.length_b   67.700
_cell.length_c   79.600
_cell.angle_alpha   90.00
_cell.angle_beta   118.10
_cell.angle_gamma   90.00
#
_symmetry.space_group_name_H-M   'C 1 2 1'
#
loop_
_entity.id
_entity.type
_entity.pdbx_description
1 polymer VP39
2 non-polymer S-ADENOSYL-L-HOMOCYSTEINE
3 non-polymer 7,9-DIMETHYLGUANINE
4 water water
#
_entity_poly.entity_id   1
_entity_poly.type   'polypeptide(L)'
_entity_poly.pdbx_seq_one_letter_code
;MDVVSLDKPFMYFEEIDNELDYEPESANEVAKKLPYQGQLKLLLGELFFLSKLQRHGILDGATVVYIGSAPGTHIRYLRD
HFYNLGVIIKWMLIDGRHHDPILNGLRDVTLVTRFVDEEYLRSIKKQLHPSKIILISDVRSKRGGNEPSTADLLSNYALQ
NVMISILNPVASSLKWRCPFPDQWIKDFYIPHGNKMLQPFAPSYSAEMRLLSIYTGENMRLTRVTKSDAVNYEKKMYYLN
KIVRNKVVVNFDYPNQEYDYFHMYFMLRTVYCNKTFPTTKAKVLFLQQSIFRFLNIPTTSTEKVSHE
;
_entity_poly.pdbx_strand_id   A
#
loop_
_chem_comp.id
_chem_comp.type
_chem_comp.name
_chem_comp.formula
NDM non-polymer 7,9-DIMETHYLGUANINE 'C7 H14 N5 O 1'
#
# COMPACT_ATOMS: atom_id res chain seq x y z
N MET A 1 -16.25 -15.22 22.22
CA MET A 1 -15.25 -14.46 21.43
C MET A 1 -14.53 -15.38 20.43
N ASP A 2 -13.93 -14.78 19.39
CA ASP A 2 -13.24 -15.51 18.30
C ASP A 2 -11.72 -15.71 18.48
N VAL A 3 -11.35 -16.53 19.45
CA VAL A 3 -9.94 -16.75 19.75
C VAL A 3 -9.21 -17.85 18.98
N VAL A 4 -7.95 -17.59 18.68
CA VAL A 4 -7.15 -18.52 17.90
C VAL A 4 -5.64 -18.34 18.10
N SER A 5 -4.90 -19.36 17.71
CA SER A 5 -3.45 -19.32 17.76
C SER A 5 -2.96 -19.38 16.31
N LEU A 6 -2.18 -18.38 15.94
CA LEU A 6 -1.65 -18.27 14.61
C LEU A 6 -0.17 -18.14 14.63
N ASP A 7 0.48 -18.79 13.67
CA ASP A 7 1.91 -18.70 13.59
C ASP A 7 2.29 -17.36 13.01
N LYS A 8 1.63 -17.02 11.90
CA LYS A 8 1.87 -15.78 11.19
C LYS A 8 0.59 -15.35 10.47
N PRO A 9 0.50 -14.07 10.08
CA PRO A 9 -0.69 -13.58 9.36
C PRO A 9 -0.46 -13.80 7.87
N PHE A 10 -1.51 -13.69 7.08
CA PHE A 10 -1.40 -13.82 5.64
C PHE A 10 -0.78 -12.50 5.18
N MET A 11 0.42 -12.53 4.63
CA MET A 11 1.07 -11.32 4.16
C MET A 11 0.70 -10.99 2.72
N TYR A 12 0.54 -12.03 1.91
CA TYR A 12 0.19 -11.86 0.50
C TYR A 12 -1.05 -12.64 0.11
N PHE A 13 -1.73 -12.17 -0.94
CA PHE A 13 -2.97 -12.76 -1.45
C PHE A 13 -2.93 -14.27 -1.66
N GLU A 14 -1.83 -14.73 -2.25
CA GLU A 14 -1.64 -16.14 -2.55
C GLU A 14 -1.63 -17.01 -1.32
N GLU A 15 -1.42 -16.42 -0.16
CA GLU A 15 -1.37 -17.18 1.08
C GLU A 15 -2.75 -17.51 1.64
N ILE A 16 -3.74 -16.69 1.34
CA ILE A 16 -5.08 -16.91 1.85
C ILE A 16 -5.47 -18.36 1.48
N ASP A 17 -5.70 -19.18 2.49
CA ASP A 17 -6.02 -20.59 2.31
C ASP A 17 -7.48 -21.03 2.35
N ASN A 18 -8.41 -20.12 2.09
CA ASN A 18 -9.80 -20.52 2.10
C ASN A 18 -10.62 -19.45 1.41
N GLU A 19 -11.90 -19.74 1.18
CA GLU A 19 -12.77 -18.79 0.53
C GLU A 19 -14.18 -18.91 1.06
N LEU A 20 -14.98 -17.89 0.76
CA LEU A 20 -16.36 -17.81 1.22
C LEU A 20 -17.19 -17.12 0.17
N ASP A 21 -18.44 -17.55 0.02
CA ASP A 21 -19.31 -16.91 -0.95
C ASP A 21 -19.58 -15.51 -0.42
N TYR A 22 -19.37 -14.52 -1.27
CA TYR A 22 -19.59 -13.13 -0.91
C TYR A 22 -21.05 -12.84 -0.53
N GLU A 23 -21.23 -12.15 0.59
CA GLU A 23 -22.55 -11.78 1.07
C GLU A 23 -22.70 -10.27 0.93
N PRO A 24 -23.48 -9.82 -0.06
CA PRO A 24 -23.74 -8.40 -0.33
C PRO A 24 -24.18 -7.58 0.87
N GLU A 25 -24.79 -8.26 1.85
CA GLU A 25 -25.25 -7.63 3.09
C GLU A 25 -24.10 -7.00 3.91
N SER A 26 -22.89 -7.51 3.71
CA SER A 26 -21.71 -7.03 4.41
C SER A 26 -21.37 -5.60 4.02
N ALA A 27 -21.88 -5.16 2.87
CA ALA A 27 -21.61 -3.81 2.38
C ALA A 27 -22.28 -2.74 3.24
N ASN A 28 -23.26 -3.15 4.03
CA ASN A 28 -23.99 -2.24 4.92
C ASN A 28 -23.39 -2.19 6.33
N GLU A 29 -22.39 -3.04 6.59
CA GLU A 29 -21.73 -3.10 7.88
C GLU A 29 -20.66 -2.04 8.01
N VAL A 30 -20.36 -1.64 9.25
CA VAL A 30 -19.35 -0.61 9.53
C VAL A 30 -18.01 -0.93 8.85
N ALA A 31 -17.52 0.03 8.06
CA ALA A 31 -16.27 -0.13 7.30
C ALA A 31 -14.99 0.28 8.02
N LYS A 32 -15.09 1.09 9.06
CA LYS A 32 -13.88 1.50 9.78
C LYS A 32 -14.11 1.74 11.27
N LYS A 33 -13.19 1.19 12.04
CA LYS A 33 -13.21 1.28 13.49
C LYS A 33 -12.29 2.33 14.12
N LEU A 34 -11.30 2.81 13.35
CA LEU A 34 -10.33 3.77 13.86
C LEU A 34 -10.33 5.08 13.12
N PRO A 35 -10.09 6.20 13.84
CA PRO A 35 -10.05 7.50 13.15
C PRO A 35 -8.76 7.49 12.31
N TYR A 36 -8.80 8.10 11.13
CA TYR A 36 -7.66 8.15 10.23
C TYR A 36 -7.12 6.77 9.85
N GLN A 37 -8.03 5.78 9.81
CA GLN A 37 -7.63 4.40 9.50
C GLN A 37 -7.04 4.30 8.09
N GLY A 38 -7.54 5.12 7.18
CA GLY A 38 -7.06 5.15 5.81
C GLY A 38 -5.62 5.61 5.71
N GLN A 39 -5.24 6.61 6.52
CA GLN A 39 -3.86 7.11 6.50
C GLN A 39 -2.94 6.04 7.09
N LEU A 40 -3.44 5.34 8.11
CA LEU A 40 -2.68 4.27 8.75
C LEU A 40 -2.44 3.11 7.78
N LYS A 41 -3.52 2.68 7.09
CA LYS A 41 -3.44 1.60 6.11
C LYS A 41 -2.31 1.92 5.13
N LEU A 42 -2.39 3.12 4.55
CA LEU A 42 -1.38 3.61 3.60
C LEU A 42 0.02 3.69 4.20
N LEU A 43 0.12 4.23 5.40
CA LEU A 43 1.42 4.36 6.04
C LEU A 43 2.08 3.00 6.26
N LEU A 44 1.34 2.00 6.75
CA LEU A 44 1.94 0.69 6.98
C LEU A 44 2.43 0.02 5.71
N GLY A 45 1.59 0.04 4.69
CA GLY A 45 1.90 -0.56 3.41
C GLY A 45 3.08 0.08 2.70
N GLU A 46 3.13 1.41 2.75
CA GLU A 46 4.21 2.16 2.12
C GLU A 46 5.53 2.05 2.88
N LEU A 47 5.45 1.96 4.22
CA LEU A 47 6.63 1.77 5.09
C LEU A 47 7.21 0.38 4.79
N PHE A 48 6.33 -0.60 4.63
CA PHE A 48 6.72 -2.00 4.33
C PHE A 48 7.44 -2.07 2.99
N PHE A 49 6.81 -1.49 1.97
CA PHE A 49 7.36 -1.45 0.62
C PHE A 49 8.73 -0.74 0.58
N LEU A 50 8.78 0.48 1.10
CA LEU A 50 10.02 1.25 1.08
C LEU A 50 11.17 0.60 1.87
N SER A 51 10.85 -0.09 2.97
CA SER A 51 11.85 -0.78 3.78
C SER A 51 12.46 -1.97 3.02
N LYS A 52 11.63 -2.58 2.17
CA LYS A 52 12.05 -3.71 1.34
C LYS A 52 13.09 -3.22 0.33
N LEU A 53 12.80 -2.08 -0.29
CA LEU A 53 13.69 -1.47 -1.27
C LEU A 53 15.01 -1.09 -0.61
N GLN A 54 14.94 -0.64 0.64
CA GLN A 54 16.11 -0.26 1.41
C GLN A 54 16.94 -1.54 1.60
N ARG A 55 16.23 -2.60 1.97
CA ARG A 55 16.83 -3.90 2.18
C ARG A 55 17.58 -4.35 0.93
N HIS A 56 17.06 -4.00 -0.25
CA HIS A 56 17.69 -4.38 -1.52
C HIS A 56 18.62 -3.29 -2.05
N GLY A 57 18.79 -2.23 -1.26
CA GLY A 57 19.67 -1.13 -1.64
C GLY A 57 19.25 -0.27 -2.80
N ILE A 58 17.96 -0.17 -3.08
CA ILE A 58 17.52 0.65 -4.20
C ILE A 58 16.73 1.90 -3.84
N LEU A 59 16.69 2.24 -2.56
CA LEU A 59 15.94 3.40 -2.11
C LEU A 59 16.81 4.66 -2.08
N ASP A 60 17.95 4.54 -1.44
CA ASP A 60 18.86 5.68 -1.30
C ASP A 60 19.25 6.27 -2.66
N GLY A 61 19.02 7.57 -2.82
CA GLY A 61 19.36 8.26 -4.06
C GLY A 61 18.25 8.33 -5.10
N ALA A 62 17.13 7.66 -4.85
CA ALA A 62 16.01 7.65 -5.79
C ALA A 62 15.06 8.80 -5.55
N THR A 63 14.17 9.02 -6.51
CA THR A 63 13.16 10.06 -6.37
C THR A 63 11.87 9.28 -6.30
N VAL A 64 11.09 9.48 -5.23
CA VAL A 64 9.84 8.77 -5.11
C VAL A 64 8.74 9.60 -5.75
N VAL A 65 8.19 9.10 -6.85
CA VAL A 65 7.09 9.78 -7.52
C VAL A 65 5.80 9.14 -7.02
N TYR A 66 5.03 9.92 -6.26
CA TYR A 66 3.76 9.46 -5.68
C TYR A 66 2.65 10.21 -6.41
N ILE A 67 1.81 9.45 -7.12
CA ILE A 67 0.69 9.98 -7.90
C ILE A 67 -0.59 9.53 -7.19
N GLY A 68 -1.41 10.51 -6.85
CA GLY A 68 -2.63 10.26 -6.09
C GLY A 68 -2.26 10.39 -4.61
N SER A 69 -1.38 11.34 -4.32
CA SER A 69 -0.85 11.59 -2.97
C SER A 69 -1.62 12.47 -1.96
N ALA A 70 -2.53 13.32 -2.43
CA ALA A 70 -3.31 14.24 -1.60
C ALA A 70 -4.50 13.60 -0.89
N PRO A 71 -4.76 13.98 0.37
CA PRO A 71 -4.06 14.94 1.24
C PRO A 71 -2.61 14.49 1.56
N GLY A 72 -2.42 13.20 1.82
CA GLY A 72 -1.09 12.69 2.06
C GLY A 72 -0.45 12.98 3.41
N THR A 73 -1.30 13.18 4.40
CA THR A 73 -0.87 13.47 5.77
C THR A 73 0.17 12.46 6.25
N HIS A 74 -0.13 11.18 6.03
CA HIS A 74 0.76 10.11 6.46
C HIS A 74 2.13 10.12 5.76
N ILE A 75 2.21 10.77 4.59
CA ILE A 75 3.47 10.85 3.83
C ILE A 75 4.56 11.63 4.58
N ARG A 76 4.15 12.56 5.45
CA ARG A 76 5.09 13.35 6.22
C ARG A 76 5.87 12.41 7.17
N TYR A 77 5.18 11.44 7.76
CA TYR A 77 5.84 10.49 8.64
C TYR A 77 6.84 9.60 7.87
N LEU A 78 6.43 9.16 6.69
CA LEU A 78 7.27 8.33 5.84
C LEU A 78 8.53 9.10 5.48
N ARG A 79 8.34 10.36 5.10
CA ARG A 79 9.46 11.22 4.74
C ARG A 79 10.38 11.44 5.94
N ASP A 80 9.81 11.67 7.11
CA ASP A 80 10.62 11.90 8.30
C ASP A 80 11.39 10.66 8.67
N HIS A 81 10.71 9.52 8.60
CA HIS A 81 11.34 8.27 8.96
C HIS A 81 12.61 8.00 8.19
N PHE A 82 12.57 8.08 6.86
CA PHE A 82 13.76 7.78 6.07
C PHE A 82 14.76 8.92 6.09
N TYR A 83 14.27 10.13 6.30
CA TYR A 83 15.11 11.32 6.38
C TYR A 83 15.94 11.27 7.66
N ASN A 84 15.34 10.81 8.75
CA ASN A 84 16.05 10.68 10.02
C ASN A 84 17.00 9.47 10.03
N LEU A 85 16.71 8.50 9.18
CA LEU A 85 17.54 7.30 9.07
C LEU A 85 18.83 7.57 8.29
N GLY A 86 18.87 8.66 7.53
CA GLY A 86 20.07 8.97 6.74
C GLY A 86 19.89 8.73 5.25
N VAL A 87 18.82 8.02 4.89
CA VAL A 87 18.55 7.72 3.48
C VAL A 87 18.28 9.04 2.75
N ILE A 88 18.85 9.18 1.57
CA ILE A 88 18.68 10.37 0.74
C ILE A 88 17.57 10.12 -0.29
N ILE A 89 16.45 10.83 -0.17
CA ILE A 89 15.31 10.65 -1.08
C ILE A 89 14.68 11.99 -1.45
N LYS A 90 14.23 12.11 -2.70
CA LYS A 90 13.53 13.29 -3.13
C LYS A 90 12.10 12.78 -3.27
N TRP A 91 11.13 13.58 -2.85
CA TRP A 91 9.74 13.18 -2.99
C TRP A 91 9.08 14.14 -3.97
N MET A 92 8.27 13.60 -4.87
CA MET A 92 7.55 14.42 -5.85
C MET A 92 6.12 13.93 -5.74
N LEU A 93 5.30 14.70 -5.07
CA LEU A 93 3.92 14.33 -4.82
C LEU A 93 3.04 15.10 -5.78
N ILE A 94 2.37 14.35 -6.66
CA ILE A 94 1.52 14.92 -7.69
C ILE A 94 0.06 14.52 -7.55
N ASP A 95 -0.82 15.50 -7.48
CA ASP A 95 -2.25 15.21 -7.34
C ASP A 95 -2.93 16.48 -7.76
N GLY A 96 -4.17 16.37 -8.23
CA GLY A 96 -4.92 17.55 -8.61
C GLY A 96 -5.51 18.28 -7.41
N ARG A 97 -5.62 17.56 -6.29
CA ARG A 97 -6.13 18.12 -5.03
C ARG A 97 -4.96 18.67 -4.20
N HIS A 98 -5.27 19.43 -3.17
CA HIS A 98 -4.23 19.99 -2.34
C HIS A 98 -3.72 19.04 -1.27
N HIS A 99 -2.43 19.13 -0.99
CA HIS A 99 -1.79 18.30 0.03
C HIS A 99 -1.91 18.97 1.38
N ASP A 100 -1.70 18.18 2.42
CA ASP A 100 -1.75 18.65 3.79
C ASP A 100 -0.59 19.62 3.95
N PRO A 101 -0.86 20.82 4.51
CA PRO A 101 0.20 21.81 4.71
C PRO A 101 1.43 21.33 5.47
N ILE A 102 1.32 20.28 6.27
CA ILE A 102 2.48 19.77 7.00
C ILE A 102 3.59 19.25 6.05
N LEU A 103 3.28 19.18 4.75
CA LEU A 103 4.23 18.72 3.74
C LEU A 103 5.03 19.87 3.13
N ASN A 104 4.57 21.09 3.37
CA ASN A 104 5.23 22.29 2.87
C ASN A 104 6.57 22.57 3.55
N GLY A 105 7.35 23.42 2.90
CA GLY A 105 8.62 23.85 3.46
C GLY A 105 9.72 22.83 3.67
N LEU A 106 9.66 21.75 2.91
CA LEU A 106 10.67 20.71 2.99
C LEU A 106 11.37 20.70 1.63
N ARG A 107 12.65 21.02 1.60
CA ARG A 107 13.40 21.06 0.33
C ARG A 107 13.44 19.73 -0.43
N ASP A 108 13.34 18.61 0.28
CA ASP A 108 13.37 17.28 -0.30
C ASP A 108 12.03 16.81 -0.80
N VAL A 109 10.99 17.61 -0.61
CA VAL A 109 9.69 17.22 -1.10
C VAL A 109 9.03 18.31 -1.92
N THR A 110 8.69 17.92 -3.14
CA THR A 110 8.08 18.81 -4.10
C THR A 110 6.63 18.39 -4.28
N LEU A 111 5.72 19.36 -4.19
CA LEU A 111 4.31 19.10 -4.35
C LEU A 111 3.89 19.67 -5.70
N VAL A 112 3.11 18.91 -6.45
CA VAL A 112 2.65 19.33 -7.76
C VAL A 112 1.12 19.21 -7.81
N THR A 113 0.45 20.29 -8.18
CA THR A 113 -1.00 20.28 -8.28
C THR A 113 -1.35 20.09 -9.75
N ARG A 114 -1.50 18.83 -10.13
CA ARG A 114 -1.79 18.45 -11.51
C ARG A 114 -2.30 17.03 -11.56
N PHE A 115 -3.34 16.78 -12.35
CA PHE A 115 -3.79 15.42 -12.53
C PHE A 115 -2.86 14.97 -13.67
N VAL A 116 -2.23 13.82 -13.52
CA VAL A 116 -1.32 13.36 -14.55
C VAL A 116 -2.02 12.61 -15.70
N ASP A 117 -1.48 12.77 -16.90
CA ASP A 117 -1.95 12.09 -18.09
C ASP A 117 -0.67 11.62 -18.75
N GLU A 118 -0.80 10.79 -19.77
CA GLU A 118 0.36 10.26 -20.47
C GLU A 118 1.39 11.32 -20.88
N GLU A 119 0.91 12.45 -21.38
CA GLU A 119 1.80 13.53 -21.82
C GLU A 119 2.61 14.12 -20.66
N TYR A 120 1.96 14.30 -19.52
CA TYR A 120 2.61 14.85 -18.36
C TYR A 120 3.67 13.89 -17.85
N LEU A 121 3.35 12.60 -17.82
CA LEU A 121 4.33 11.61 -17.35
C LEU A 121 5.61 11.69 -18.15
N ARG A 122 5.49 12.02 -19.43
CA ARG A 122 6.65 12.15 -20.30
C ARG A 122 7.48 13.38 -19.94
N SER A 123 6.81 14.50 -19.67
CA SER A 123 7.54 15.72 -19.33
C SER A 123 8.30 15.56 -18.01
N ILE A 124 7.67 14.91 -17.02
CA ILE A 124 8.34 14.71 -15.74
C ILE A 124 9.45 13.69 -15.86
N LYS A 125 9.31 12.76 -16.80
CA LYS A 125 10.35 11.77 -16.99
C LYS A 125 11.56 12.48 -17.57
N LYS A 126 11.32 13.46 -18.44
CA LYS A 126 12.41 14.23 -19.03
C LYS A 126 13.05 15.08 -17.94
N GLN A 127 12.22 15.66 -17.06
CA GLN A 127 12.72 16.51 -15.98
C GLN A 127 13.41 15.79 -14.81
N LEU A 128 13.00 14.57 -14.50
CA LEU A 128 13.63 13.82 -13.42
C LEU A 128 14.97 13.24 -13.87
N HIS A 129 15.05 12.89 -15.15
CA HIS A 129 16.25 12.31 -15.74
C HIS A 129 17.51 13.02 -15.25
N PRO A 130 18.55 12.27 -14.85
CA PRO A 130 18.69 10.81 -14.83
C PRO A 130 18.42 10.09 -13.49
N SER A 131 17.67 10.70 -12.60
CA SER A 131 17.40 10.06 -11.31
C SER A 131 16.66 8.73 -11.46
N LYS A 132 16.84 7.83 -10.48
CA LYS A 132 16.19 6.52 -10.42
C LYS A 132 14.82 6.84 -9.86
N ILE A 133 13.77 6.24 -10.41
CA ILE A 133 12.43 6.53 -9.96
C ILE A 133 11.74 5.38 -9.27
N ILE A 134 11.04 5.69 -8.19
CA ILE A 134 10.27 4.70 -7.44
C ILE A 134 8.85 5.22 -7.52
N LEU A 135 7.96 4.43 -8.12
CA LEU A 135 6.59 4.87 -8.27
C LEU A 135 5.66 4.32 -7.20
N ILE A 136 4.77 5.20 -6.72
CA ILE A 136 3.75 4.83 -5.77
C ILE A 136 2.52 5.49 -6.37
N SER A 137 1.50 4.68 -6.62
CA SER A 137 0.26 5.18 -7.19
C SER A 137 -0.92 4.82 -6.32
N ASP A 138 -1.73 5.82 -6.00
CA ASP A 138 -2.92 5.60 -5.20
C ASP A 138 -4.06 6.38 -5.83
N VAL A 139 -4.06 6.46 -7.17
CA VAL A 139 -5.10 7.22 -7.86
C VAL A 139 -6.46 6.56 -7.77
N ARG A 140 -7.49 7.38 -7.57
CA ARG A 140 -8.85 6.88 -7.51
C ARG A 140 -9.64 7.88 -8.33
N SER A 141 -10.38 7.33 -9.28
CA SER A 141 -11.23 8.07 -10.21
C SER A 141 -11.93 9.26 -9.57
N PRO A 148 -15.43 2.54 -7.37
CA PRO A 148 -15.98 3.14 -8.59
C PRO A 148 -16.48 2.05 -9.54
N SER A 149 -16.86 2.45 -10.74
CA SER A 149 -17.36 1.49 -11.73
C SER A 149 -16.17 0.66 -12.21
N THR A 150 -16.45 -0.48 -12.83
CA THR A 150 -15.39 -1.31 -13.38
C THR A 150 -14.69 -0.51 -14.47
N ALA A 151 -15.45 0.31 -15.18
CA ALA A 151 -14.92 1.16 -16.23
C ALA A 151 -13.88 2.13 -15.65
N ASP A 152 -14.19 2.69 -14.49
CA ASP A 152 -13.28 3.60 -13.81
C ASP A 152 -12.01 2.88 -13.41
N LEU A 153 -12.16 1.66 -12.88
CA LEU A 153 -11.03 0.86 -12.46
C LEU A 153 -10.07 0.56 -13.61
N LEU A 154 -10.62 0.02 -14.71
CA LEU A 154 -9.82 -0.31 -15.89
C LEU A 154 -9.03 0.89 -16.37
N SER A 155 -9.68 2.05 -16.32
CA SER A 155 -9.07 3.28 -16.73
C SER A 155 -7.90 3.61 -15.82
N ASN A 156 -8.08 3.42 -14.51
CA ASN A 156 -7.03 3.72 -13.54
C ASN A 156 -5.86 2.75 -13.73
N TYR A 157 -6.20 1.48 -13.95
CA TYR A 157 -5.19 0.43 -14.13
C TYR A 157 -4.43 0.66 -15.43
N ALA A 158 -5.14 1.15 -16.45
CA ALA A 158 -4.53 1.45 -17.73
C ALA A 158 -3.56 2.63 -17.51
N LEU A 159 -3.92 3.58 -16.65
CA LEU A 159 -3.02 4.71 -16.35
C LEU A 159 -1.79 4.27 -15.58
N GLN A 160 -1.98 3.41 -14.58
CA GLN A 160 -0.88 2.89 -13.79
C GLN A 160 0.15 2.12 -14.63
N ASN A 161 -0.31 1.38 -15.64
CA ASN A 161 0.60 0.65 -16.52
C ASN A 161 1.43 1.65 -17.36
N VAL A 162 0.79 2.74 -17.78
CA VAL A 162 1.44 3.81 -18.57
C VAL A 162 2.47 4.56 -17.72
N MET A 163 2.19 4.67 -16.42
CA MET A 163 3.10 5.31 -15.47
C MET A 163 4.41 4.53 -15.50
N ILE A 164 4.29 3.21 -15.45
CA ILE A 164 5.45 2.33 -15.44
C ILE A 164 6.20 2.29 -16.78
N SER A 165 5.46 2.25 -17.90
CA SER A 165 6.11 2.22 -19.20
C SER A 165 6.88 3.50 -19.48
N ILE A 166 6.30 4.65 -19.14
CA ILE A 166 6.96 5.95 -19.34
C ILE A 166 8.01 6.31 -18.27
N LEU A 167 7.66 6.17 -16.99
CA LEU A 167 8.59 6.50 -15.90
C LEU A 167 9.72 5.51 -15.82
N ASN A 168 9.44 4.25 -16.17
CA ASN A 168 10.47 3.22 -16.14
C ASN A 168 11.18 3.21 -14.78
N PRO A 169 10.41 2.98 -13.69
CA PRO A 169 10.95 2.95 -12.34
C PRO A 169 11.69 1.66 -11.98
N VAL A 170 12.45 1.73 -10.89
CA VAL A 170 13.18 0.57 -10.41
C VAL A 170 12.23 -0.29 -9.58
N ALA A 171 11.14 0.32 -9.12
CA ALA A 171 10.13 -0.39 -8.32
C ALA A 171 8.83 0.37 -8.29
N SER A 172 7.73 -0.32 -8.03
CA SER A 172 6.45 0.36 -7.95
C SER A 172 5.50 -0.26 -6.93
N SER A 173 4.66 0.58 -6.37
CA SER A 173 3.65 0.09 -5.45
C SER A 173 2.37 0.62 -6.09
N LEU A 174 1.47 -0.27 -6.45
CA LEU A 174 0.25 0.16 -7.11
C LEU A 174 -1.01 -0.28 -6.38
N LYS A 175 -2.01 0.59 -6.41
CA LYS A 175 -3.31 0.33 -5.82
C LYS A 175 -3.87 -0.81 -6.68
N TRP A 176 -4.44 -1.84 -6.07
CA TRP A 176 -4.97 -2.95 -6.84
C TRP A 176 -6.20 -3.60 -6.23
N ARG A 177 -7.35 -3.41 -6.86
CA ARG A 177 -8.59 -4.03 -6.42
C ARG A 177 -9.24 -4.61 -7.68
N CYS A 178 -9.37 -5.92 -7.72
CA CYS A 178 -9.95 -6.56 -8.88
C CYS A 178 -11.43 -6.19 -9.04
N PRO A 179 -11.87 -5.88 -10.28
CA PRO A 179 -13.28 -5.54 -10.51
C PRO A 179 -14.17 -6.71 -10.09
N PHE A 180 -15.40 -6.45 -9.68
CA PHE A 180 -16.25 -7.53 -9.22
C PHE A 180 -16.81 -8.38 -10.35
N PRO A 181 -16.78 -9.73 -10.19
CA PRO A 181 -17.25 -10.67 -11.19
C PRO A 181 -18.60 -10.34 -11.83
N ASP A 182 -19.55 -9.92 -11.02
CA ASP A 182 -20.87 -9.57 -11.54
C ASP A 182 -20.90 -8.23 -12.29
N GLN A 183 -19.73 -7.62 -12.41
CA GLN A 183 -19.58 -6.34 -13.10
C GLN A 183 -18.38 -6.41 -14.05
N TRP A 184 -18.16 -7.58 -14.62
CA TRP A 184 -17.03 -7.74 -15.53
C TRP A 184 -17.30 -6.99 -16.83
N ILE A 185 -16.23 -6.49 -17.46
CA ILE A 185 -16.33 -5.80 -18.74
C ILE A 185 -15.39 -6.52 -19.68
N LYS A 186 -14.12 -6.59 -19.31
CA LYS A 186 -13.14 -7.28 -20.12
C LYS A 186 -11.93 -7.73 -19.30
N ASP A 187 -11.20 -8.68 -19.84
CA ASP A 187 -9.99 -9.18 -19.19
C ASP A 187 -8.96 -8.06 -19.42
N PHE A 188 -7.95 -7.99 -18.56
CA PHE A 188 -6.92 -6.96 -18.71
C PHE A 188 -5.66 -7.45 -18.07
N TYR A 189 -4.58 -6.68 -18.23
CA TYR A 189 -3.30 -7.06 -17.66
C TYR A 189 -2.86 -6.05 -16.61
N ILE A 190 -2.20 -6.55 -15.57
CA ILE A 190 -1.67 -5.71 -14.49
C ILE A 190 -0.21 -6.13 -14.37
N PRO A 191 0.67 -5.28 -13.82
CA PRO A 191 2.05 -5.72 -13.72
C PRO A 191 2.16 -6.89 -12.76
N HIS A 192 3.20 -7.69 -12.97
CA HIS A 192 3.44 -8.80 -12.09
C HIS A 192 4.04 -8.16 -10.82
N GLY A 193 3.68 -8.70 -9.66
CA GLY A 193 4.21 -8.18 -8.41
C GLY A 193 3.68 -9.01 -7.26
N ASN A 194 4.05 -8.65 -6.02
CA ASN A 194 3.55 -9.39 -4.86
C ASN A 194 2.26 -8.68 -4.46
N LYS A 195 1.18 -9.42 -4.28
CA LYS A 195 -0.11 -8.82 -3.86
C LYS A 195 -0.08 -8.67 -2.36
N MET A 196 0.48 -7.57 -1.88
CA MET A 196 0.58 -7.32 -0.45
C MET A 196 -0.78 -7.02 0.20
N LEU A 197 -1.11 -7.77 1.24
CA LEU A 197 -2.37 -7.55 1.95
C LEU A 197 -2.17 -6.34 2.91
N GLN A 198 -3.25 -5.64 3.22
CA GLN A 198 -3.22 -4.43 4.04
C GLN A 198 -3.97 -4.44 5.36
N PRO A 199 -3.26 -4.51 6.50
CA PRO A 199 -4.02 -4.48 7.75
C PRO A 199 -4.69 -3.09 7.81
N PHE A 200 -5.81 -2.98 8.50
CA PHE A 200 -6.55 -1.72 8.65
C PHE A 200 -7.24 -1.21 7.37
N ALA A 201 -7.43 -2.11 6.42
CA ALA A 201 -8.16 -1.77 5.21
C ALA A 201 -9.64 -1.75 5.67
N PRO A 202 -10.53 -1.11 4.89
CA PRO A 202 -11.93 -1.14 5.35
C PRO A 202 -12.36 -2.57 5.62
N SER A 203 -13.29 -2.72 6.54
CA SER A 203 -13.80 -4.03 6.94
C SER A 203 -13.97 -5.08 5.85
N TYR A 204 -14.60 -4.70 4.74
CA TYR A 204 -14.84 -5.63 3.64
C TYR A 204 -14.14 -5.30 2.35
N SER A 205 -13.06 -4.52 2.46
CA SER A 205 -12.26 -4.11 1.31
C SER A 205 -11.52 -5.29 0.65
N ALA A 206 -11.54 -5.32 -0.67
CA ALA A 206 -10.85 -6.37 -1.41
C ALA A 206 -9.59 -5.78 -2.03
N GLU A 207 -9.23 -4.57 -1.61
CA GLU A 207 -8.04 -3.89 -2.12
C GLU A 207 -6.72 -4.35 -1.50
N MET A 208 -5.67 -4.37 -2.31
CA MET A 208 -4.36 -4.76 -1.84
C MET A 208 -3.41 -3.85 -2.58
N ARG A 209 -2.11 -4.04 -2.40
CA ARG A 209 -1.11 -3.23 -3.07
C ARG A 209 -0.17 -4.15 -3.84
N LEU A 210 0.02 -3.84 -5.11
CA LEU A 210 0.90 -4.63 -5.97
C LEU A 210 2.31 -4.05 -5.88
N LEU A 211 3.24 -4.84 -5.36
CA LEU A 211 4.61 -4.43 -5.17
C LEU A 211 5.49 -5.06 -6.23
N SER A 212 6.29 -4.26 -6.94
CA SER A 212 7.15 -4.78 -8.00
C SER A 212 8.53 -4.14 -8.05
N ILE A 213 9.52 -4.93 -8.46
CA ILE A 213 10.90 -4.47 -8.58
C ILE A 213 11.29 -4.81 -10.02
N TYR A 214 11.74 -3.82 -10.74
CA TYR A 214 12.10 -4.03 -12.12
C TYR A 214 13.58 -4.29 -12.32
N THR A 215 13.84 -5.45 -12.93
CA THR A 215 15.18 -5.94 -13.22
C THR A 215 15.38 -5.94 -14.73
N GLY A 216 16.59 -5.65 -15.17
CA GLY A 216 16.89 -5.64 -16.59
C GLY A 216 16.11 -4.56 -17.31
N GLU A 217 15.48 -4.92 -18.41
CA GLU A 217 14.70 -3.98 -19.21
C GLU A 217 13.39 -4.64 -19.60
N ASN A 218 13.00 -5.64 -18.83
CA ASN A 218 11.78 -6.36 -19.09
C ASN A 218 10.62 -5.86 -18.26
N MET A 219 9.42 -6.18 -18.70
CA MET A 219 8.20 -5.79 -18.02
C MET A 219 7.27 -6.99 -18.17
N ARG A 220 7.00 -7.68 -17.08
CA ARG A 220 6.10 -8.82 -17.11
C ARG A 220 4.73 -8.40 -16.61
N LEU A 221 3.70 -8.74 -17.37
CA LEU A 221 2.32 -8.42 -17.03
C LEU A 221 1.61 -9.74 -16.85
N THR A 222 0.45 -9.70 -16.23
CA THR A 222 -0.31 -10.92 -16.02
C THR A 222 -1.76 -10.61 -16.33
N ARG A 223 -2.42 -11.54 -17.01
CA ARG A 223 -3.82 -11.36 -17.40
C ARG A 223 -4.77 -11.67 -16.25
N VAL A 224 -5.83 -10.88 -16.15
CA VAL A 224 -6.83 -11.06 -15.10
C VAL A 224 -8.19 -11.30 -15.80
N THR A 225 -8.82 -12.42 -15.46
CA THR A 225 -10.07 -12.83 -16.07
C THR A 225 -11.19 -12.81 -15.04
N LYS A 226 -12.42 -12.97 -15.51
CA LYS A 226 -13.56 -12.97 -14.61
C LYS A 226 -13.46 -14.12 -13.60
N SER A 227 -12.82 -15.23 -13.98
CA SER A 227 -12.66 -16.36 -13.06
C SER A 227 -11.71 -15.98 -11.93
N ASP A 228 -10.71 -15.15 -12.26
CA ASP A 228 -9.76 -14.65 -11.28
C ASP A 228 -10.54 -13.73 -10.34
N ALA A 229 -11.41 -12.91 -10.92
CA ALA A 229 -12.22 -11.99 -10.15
C ALA A 229 -13.10 -12.72 -9.13
N VAL A 230 -13.63 -13.89 -9.51
CA VAL A 230 -14.49 -14.67 -8.62
C VAL A 230 -13.63 -15.22 -7.48
N ASN A 231 -12.38 -15.52 -7.80
CA ASN A 231 -11.47 -16.04 -6.82
C ASN A 231 -11.09 -14.95 -5.84
N TYR A 232 -10.75 -13.76 -6.36
CA TYR A 232 -10.39 -12.61 -5.53
C TYR A 232 -11.53 -12.31 -4.56
N GLU A 233 -12.74 -12.35 -5.09
CA GLU A 233 -13.95 -12.09 -4.33
C GLU A 233 -14.13 -13.04 -3.14
N LYS A 234 -14.00 -14.34 -3.41
CA LYS A 234 -14.18 -15.37 -2.39
C LYS A 234 -13.05 -15.43 -1.34
N LYS A 235 -11.84 -15.18 -1.78
CA LYS A 235 -10.67 -15.21 -0.91
C LYS A 235 -10.66 -13.98 0.00
N MET A 236 -10.90 -12.81 -0.58
CA MET A 236 -10.93 -11.58 0.21
C MET A 236 -12.14 -11.58 1.14
N TYR A 237 -13.22 -12.22 0.74
CA TYR A 237 -14.41 -12.28 1.59
C TYR A 237 -14.13 -13.13 2.81
N TYR A 238 -13.43 -14.25 2.61
CA TYR A 238 -13.07 -15.13 3.71
C TYR A 238 -12.08 -14.37 4.63
N LEU A 239 -11.08 -13.71 4.04
CA LEU A 239 -10.12 -12.94 4.81
C LEU A 239 -10.83 -11.91 5.72
N ASN A 240 -11.76 -11.15 5.14
CA ASN A 240 -12.48 -10.11 5.88
C ASN A 240 -13.50 -10.60 6.91
N LYS A 241 -14.36 -11.51 6.52
CA LYS A 241 -15.39 -12.03 7.40
C LYS A 241 -14.87 -12.90 8.55
N ILE A 242 -13.89 -13.74 8.25
CA ILE A 242 -13.38 -14.66 9.26
C ILE A 242 -12.05 -14.33 9.90
N VAL A 243 -11.02 -14.30 9.07
CA VAL A 243 -9.66 -14.06 9.53
C VAL A 243 -9.43 -12.79 10.34
N ARG A 244 -9.80 -11.66 9.75
CA ARG A 244 -9.58 -10.37 10.38
C ARG A 244 -10.37 -10.15 11.64
N ASN A 245 -11.30 -11.07 11.93
CA ASN A 245 -12.11 -11.01 13.14
C ASN A 245 -11.60 -12.00 14.20
N LYS A 246 -10.35 -12.43 14.05
CA LYS A 246 -9.74 -13.36 14.98
C LYS A 246 -8.87 -12.69 16.03
N VAL A 247 -8.91 -13.25 17.24
CA VAL A 247 -8.10 -12.77 18.35
C VAL A 247 -6.99 -13.81 18.50
N VAL A 248 -5.76 -13.40 18.16
CA VAL A 248 -4.57 -14.26 18.22
C VAL A 248 -4.06 -14.32 19.67
N VAL A 249 -4.59 -15.27 20.45
CA VAL A 249 -4.21 -15.42 21.87
C VAL A 249 -2.76 -15.71 22.14
N ASN A 250 -2.08 -16.32 21.19
CA ASN A 250 -0.66 -16.60 21.39
C ASN A 250 0.21 -15.39 21.02
N PHE A 251 -0.43 -14.33 20.53
CA PHE A 251 0.28 -13.10 20.16
C PHE A 251 0.37 -12.22 21.41
N ASP A 252 1.51 -12.25 22.09
CA ASP A 252 1.71 -11.44 23.30
C ASP A 252 1.95 -10.01 22.90
N TYR A 253 0.91 -9.21 22.93
CA TYR A 253 1.01 -7.82 22.54
C TYR A 253 -0.19 -7.10 23.14
N PRO A 254 -0.09 -5.79 23.41
CA PRO A 254 -1.18 -5.00 23.99
C PRO A 254 -2.53 -5.22 23.30
N ASN A 255 -2.53 -5.30 21.97
CA ASN A 255 -3.76 -5.55 21.23
C ASN A 255 -3.54 -6.85 20.46
N GLN A 256 -4.42 -7.81 20.70
CA GLN A 256 -4.26 -9.10 20.04
C GLN A 256 -5.13 -9.35 18.82
N GLU A 257 -5.85 -8.33 18.37
CA GLU A 257 -6.68 -8.44 17.18
C GLU A 257 -5.83 -8.78 15.98
N TYR A 258 -6.41 -9.50 15.02
CA TYR A 258 -5.69 -9.89 13.83
C TYR A 258 -4.93 -8.76 13.12
N ASP A 259 -5.57 -7.60 12.90
CA ASP A 259 -4.90 -6.46 12.23
C ASP A 259 -3.63 -5.97 12.92
N TYR A 260 -3.58 -6.08 14.25
CA TYR A 260 -2.40 -5.64 15.00
C TYR A 260 -1.33 -6.73 14.89
N PHE A 261 -1.79 -7.97 14.75
CA PHE A 261 -0.92 -9.12 14.54
C PHE A 261 -0.28 -8.96 13.15
N HIS A 262 -1.10 -8.60 12.17
CA HIS A 262 -0.64 -8.37 10.78
C HIS A 262 0.30 -7.16 10.77
N MET A 263 -0.09 -6.09 11.47
CA MET A 263 0.73 -4.87 11.55
C MET A 263 2.11 -5.12 12.15
N TYR A 264 2.15 -5.94 13.19
CA TYR A 264 3.38 -6.30 13.86
C TYR A 264 4.35 -6.90 12.82
N PHE A 265 3.87 -7.86 12.06
CA PHE A 265 4.69 -8.52 11.03
C PHE A 265 5.24 -7.60 9.97
N MET A 266 4.48 -6.57 9.60
CA MET A 266 4.96 -5.60 8.61
C MET A 266 5.95 -4.67 9.29
N LEU A 267 5.66 -4.29 10.54
CA LEU A 267 6.53 -3.39 11.27
C LEU A 267 7.86 -3.97 11.74
N ARG A 268 7.93 -5.29 11.92
CA ARG A 268 9.17 -5.91 12.34
C ARG A 268 10.24 -5.85 11.24
N THR A 269 9.83 -5.52 10.01
CA THR A 269 10.77 -5.43 8.89
C THR A 269 11.30 -4.00 8.69
N VAL A 270 10.73 -3.06 9.44
CA VAL A 270 11.12 -1.65 9.35
C VAL A 270 12.44 -1.41 10.08
N TYR A 271 13.27 -0.55 9.53
CA TYR A 271 14.59 -0.23 10.10
C TYR A 271 14.55 0.97 11.03
N CYS A 272 15.18 0.84 12.18
CA CYS A 272 15.21 1.92 13.15
C CYS A 272 16.65 2.21 13.59
N ASN A 273 16.88 3.41 14.12
CA ASN A 273 18.21 3.84 14.62
C ASN A 273 18.48 3.22 16.01
N LYS A 274 17.48 3.33 16.88
CA LYS A 274 17.50 2.84 18.25
C LYS A 274 17.60 1.32 18.24
N THR A 275 18.46 0.78 19.09
CA THR A 275 18.64 -0.66 19.20
C THR A 275 17.66 -1.13 20.24
N PHE A 276 16.96 -2.22 19.94
CA PHE A 276 15.98 -2.79 20.86
C PHE A 276 16.39 -4.20 21.27
N PRO A 277 16.08 -4.60 22.51
CA PRO A 277 16.43 -5.94 23.00
C PRO A 277 15.59 -7.01 22.30
N THR A 278 14.41 -6.62 21.85
CA THR A 278 13.50 -7.53 21.16
C THR A 278 12.75 -6.86 20.02
N THR A 279 12.20 -7.69 19.16
CA THR A 279 11.39 -7.22 18.03
C THR A 279 10.13 -6.61 18.62
N LYS A 280 9.65 -7.20 19.71
CA LYS A 280 8.44 -6.70 20.35
C LYS A 280 8.61 -5.25 20.77
N ALA A 281 9.80 -4.91 21.23
CA ALA A 281 10.10 -3.56 21.68
C ALA A 281 10.18 -2.57 20.51
N LYS A 282 10.71 -3.02 19.38
CA LYS A 282 10.82 -2.15 18.21
C LYS A 282 9.43 -1.82 17.70
N VAL A 283 8.65 -2.87 17.48
CA VAL A 283 7.29 -2.75 16.97
C VAL A 283 6.42 -1.87 17.87
N LEU A 284 6.46 -2.10 19.16
CA LEU A 284 5.69 -1.27 20.09
C LEU A 284 6.09 0.18 19.89
N PHE A 285 7.39 0.40 19.73
CA PHE A 285 7.93 1.73 19.53
C PHE A 285 7.39 2.40 18.27
N LEU A 286 7.50 1.68 17.14
CA LEU A 286 7.04 2.20 15.84
C LEU A 286 5.54 2.44 15.84
N GLN A 287 4.79 1.47 16.36
CA GLN A 287 3.33 1.57 16.43
C GLN A 287 2.90 2.78 17.26
N GLN A 288 3.51 2.93 18.42
CA GLN A 288 3.23 4.06 19.30
C GLN A 288 3.52 5.36 18.55
N SER A 289 4.72 5.44 17.99
CA SER A 289 5.16 6.60 17.22
C SER A 289 4.15 6.95 16.10
N ILE A 290 3.75 5.91 15.36
CA ILE A 290 2.81 6.05 14.26
C ILE A 290 1.45 6.53 14.75
N PHE A 291 0.89 5.84 15.74
CA PHE A 291 -0.42 6.21 16.26
C PHE A 291 -0.42 7.63 16.81
N ARG A 292 0.68 8.00 17.47
CA ARG A 292 0.80 9.33 18.01
C ARG A 292 0.75 10.35 16.87
N PHE A 293 1.58 10.13 15.84
CA PHE A 293 1.62 11.03 14.69
C PHE A 293 0.26 11.24 14.01
N LEU A 294 -0.45 10.13 13.80
CA LEU A 294 -1.76 10.19 13.16
C LEU A 294 -2.87 10.66 14.08
N ASN A 295 -2.56 10.80 15.37
CA ASN A 295 -3.54 11.24 16.37
C ASN A 295 -4.60 10.18 16.59
N ILE A 296 -4.15 8.92 16.65
CA ILE A 296 -5.03 7.77 16.88
C ILE A 296 -4.74 7.34 18.32
N PRO A 297 -5.78 7.28 19.17
CA PRO A 297 -5.69 6.87 20.58
C PRO A 297 -4.79 5.67 20.88
N SAH B . -2.73 8.65 -1.34
CA SAH B . -3.48 9.75 -0.75
CB SAH B . -4.98 9.52 -0.94
CG SAH B . -5.39 9.35 -2.44
SD SAH B . -7.17 9.32 -2.76
C SAH B . -3.12 9.89 0.73
O SAH B . -2.08 9.33 1.13
OXT SAH B . -3.94 10.45 1.51
C5' SAH B . -7.12 9.34 -4.55
C4' SAH B . -6.48 10.58 -5.09
O4' SAH B . -6.21 10.23 -6.46
C3' SAH B . -7.25 11.85 -5.10
O3' SAH B . -6.41 12.82 -4.35
C2' SAH B . -7.34 12.20 -6.54
O2' SAH B . -7.29 13.65 -6.84
C1' SAH B . -6.15 11.56 -7.09
N9 SAH B . -6.12 11.35 -8.57
C8 SAH B . -7.11 10.76 -9.36
N7 SAH B . -6.70 10.72 -10.74
C5 SAH B . -5.42 11.32 -10.70
C6 SAH B . -4.45 11.63 -11.68
N6 SAH B . -4.52 11.27 -12.96
N1 SAH B . -3.34 12.25 -11.29
C2 SAH B . -3.11 12.55 -10.05
N3 SAH B . -3.90 12.31 -9.07
C4 SAH B . -5.07 11.70 -9.43
CN9 NDM C . -20.69 -4.11 -3.88
N9 NDM C . -19.54 -4.96 -3.45
C4 NDM C . -19.24 -6.16 -4.04
N3 NDM C . -19.96 -6.60 -5.14
C2 NDM C . -19.49 -7.80 -5.53
N2 NDM C . -20.04 -8.40 -6.60
N1 NDM C . -18.40 -8.45 -4.89
C6 NDM C . -17.65 -7.94 -3.76
O6 NDM C . -16.41 -8.50 -3.28
C5 NDM C . -18.16 -6.70 -3.35
N7 NDM C . -17.73 -5.90 -2.31
CN7 NDM C . -16.50 -5.95 -1.57
C8 NDM C . -18.65 -4.77 -2.43
#